data_3E7C
#
_entry.id   3E7C
#
_cell.length_a   126.654
_cell.length_b   126.654
_cell.length_c   78.991
_cell.angle_alpha   90.00
_cell.angle_beta   90.00
_cell.angle_gamma   120.00
#
_symmetry.space_group_name_H-M   'P 61'
#
loop_
_entity.id
_entity.type
_entity.pdbx_description
1 polymer 'Glucocorticoid receptor'
2 polymer 'Nuclear receptor coactivator 2'
3 non-polymer 5-amino-N-[(2S)-2-({[(2,6-dichlorophenyl)carbonyl](ethyl)amino}methyl)-3,3,3-trifluoro-2-hydroxypropyl]-1-(4-fluorophenyl)-1H-pyrazole-4-carboxamide
4 non-polymer GLYCEROL
5 water water
#
loop_
_entity_poly.entity_id
_entity_poly.type
_entity_poly.pdbx_seq_one_letter_code
_entity_poly.pdbx_strand_id
1 'polypeptide(L)'
;VPATLPQLTPTLVSLLEVIEPEVLYAGYDSSVPDSTWRIMTTLNMLGGRQVIAAVKWAKAIPGFRNLHLDDQMTLLQYSW
MYLMAFALGWRSYRQSSANLLCFAPDLIINEQRMTLPGMYDQCKHMLYVSSELHRLQVSYEEYLCMKTLLLLSSVPKDGL
KSQELFDEIRMTYIKELGKAIVKREGNSSQNWQRFYQLTKLLDSMHEVVENLLNYCFQTFLDKTMSIEFPEMLAEIITNQ
IPKYSNGNIKKLLFHQK
;
A,B
2 'polypeptide(L)' ENALLRYLLDK H,D
#
# COMPACT_ATOMS: atom_id res chain seq x y z
N PRO A 6 -4.10 19.85 12.61
CA PRO A 6 -3.17 18.81 12.19
C PRO A 6 -2.64 19.03 10.77
N GLN A 7 -2.20 17.96 10.12
CA GLN A 7 -1.68 18.05 8.77
C GLN A 7 -2.50 17.21 7.78
N LEU A 8 -3.71 17.67 7.49
CA LEU A 8 -4.51 17.09 6.42
C LEU A 8 -3.74 17.27 5.12
N THR A 9 -2.81 18.22 5.12
CA THR A 9 -1.85 18.38 4.04
C THR A 9 -0.71 17.39 4.21
N PRO A 10 -0.78 16.25 3.50
CA PRO A 10 0.12 15.11 3.57
C PRO A 10 1.58 15.47 3.29
N THR A 11 2.49 14.99 4.15
CA THR A 11 3.92 15.21 3.95
C THR A 11 4.48 14.14 3.03
N LEU A 12 5.61 14.43 2.39
CA LEU A 12 6.24 13.46 1.50
C LEU A 12 6.58 12.15 2.22
N VAL A 13 7.18 12.28 3.40
CA VAL A 13 7.65 11.10 4.15
C VAL A 13 6.51 10.16 4.54
N SER A 14 5.33 10.72 4.81
CA SER A 14 4.17 9.92 5.16
C SER A 14 3.68 9.14 3.93
N LEU A 15 3.98 9.66 2.74
CA LEU A 15 3.65 8.95 1.52
C LEU A 15 4.65 7.82 1.31
N LEU A 16 5.93 8.12 1.55
CA LEU A 16 6.97 7.10 1.55
C LEU A 16 6.61 5.93 2.46
N GLU A 17 5.83 6.20 3.51
CA GLU A 17 5.48 5.19 4.49
C GLU A 17 4.42 4.21 3.99
N VAL A 18 3.44 4.72 3.23
CA VAL A 18 2.33 3.90 2.75
C VAL A 18 2.74 3.04 1.57
N ILE A 19 3.74 3.49 0.83
CA ILE A 19 4.17 2.76 -0.36
C ILE A 19 5.27 1.74 -0.02
N GLU A 20 5.74 1.76 1.21
CA GLU A 20 6.71 0.78 1.67
C GLU A 20 6.19 -0.64 1.39
N PRO A 21 7.00 -1.47 0.72
CA PRO A 21 6.58 -2.80 0.25
C PRO A 21 6.31 -3.80 1.38
N GLU A 22 5.40 -4.73 1.13
CA GLU A 22 5.09 -5.79 2.09
C GLU A 22 6.31 -6.66 2.39
N VAL A 23 6.23 -7.41 3.50
CA VAL A 23 7.25 -8.40 3.82
C VAL A 23 7.00 -9.68 3.02
N LEU A 24 8.02 -10.18 2.34
CA LEU A 24 7.88 -11.40 1.53
C LEU A 24 8.52 -12.61 2.20
N TYR A 25 7.88 -13.77 2.03
CA TYR A 25 8.43 -15.00 2.57
C TYR A 25 9.29 -15.69 1.53
N ALA A 26 10.31 -16.42 1.98
CA ALA A 26 11.25 -17.05 1.06
C ALA A 26 10.81 -18.44 0.67
N GLY A 27 9.80 -18.95 1.36
CA GLY A 27 9.37 -20.34 1.18
C GLY A 27 10.50 -21.33 1.38
N TYR A 28 11.32 -21.10 2.40
CA TYR A 28 12.45 -21.98 2.69
C TYR A 28 12.06 -23.07 3.69
N ASP A 29 12.33 -24.32 3.31
CA ASP A 29 11.93 -25.49 4.10
C ASP A 29 12.90 -25.76 5.25
N SER A 30 12.50 -25.40 6.47
CA SER A 30 13.29 -25.69 7.67
C SER A 30 13.65 -27.17 7.86
N SER A 31 12.87 -28.07 7.26
CA SER A 31 13.02 -29.52 7.51
C SER A 31 14.20 -30.20 6.80
N VAL A 32 14.52 -29.76 5.59
CA VAL A 32 15.72 -30.24 4.91
C VAL A 32 16.92 -29.47 5.47
N PRO A 33 18.08 -30.15 5.64
CA PRO A 33 19.28 -29.49 6.16
C PRO A 33 19.79 -28.36 5.26
N ASP A 34 20.40 -27.34 5.86
CA ASP A 34 20.92 -26.19 5.12
C ASP A 34 22.14 -26.51 4.25
N SER A 35 22.25 -25.80 3.14
CA SER A 35 23.44 -25.79 2.30
C SER A 35 23.63 -24.38 1.71
N THR A 36 24.87 -23.92 1.58
CA THR A 36 25.13 -22.63 0.97
C THR A 36 24.45 -22.56 -0.38
N TRP A 37 24.59 -23.63 -1.17
CA TRP A 37 23.98 -23.68 -2.49
C TRP A 37 22.47 -23.46 -2.41
N ARG A 38 21.83 -24.02 -1.39
CA ARG A 38 20.37 -23.94 -1.28
C ARG A 38 19.92 -22.57 -0.83
N ILE A 39 20.72 -21.94 0.02
CA ILE A 39 20.41 -20.59 0.48
C ILE A 39 20.60 -19.59 -0.66
N MET A 40 21.76 -19.64 -1.31
CA MET A 40 22.02 -18.79 -2.47
C MET A 40 20.85 -18.84 -3.45
N THR A 41 20.30 -20.02 -3.66
CA THR A 41 19.24 -20.15 -4.66
C THR A 41 17.93 -19.57 -4.14
N THR A 42 17.58 -19.93 -2.90
CA THR A 42 16.33 -19.48 -2.31
C THR A 42 16.34 -17.95 -2.23
N LEU A 43 17.51 -17.39 -1.98
CA LEU A 43 17.70 -15.95 -1.88
C LEU A 43 17.65 -15.24 -3.24
N ASN A 44 18.18 -15.90 -4.27
CA ASN A 44 18.02 -15.43 -5.64
C ASN A 44 16.55 -15.33 -6.00
N MET A 45 15.78 -16.34 -5.61
CA MET A 45 14.37 -16.33 -5.97
C MET A 45 13.63 -15.21 -5.25
N LEU A 46 13.77 -15.14 -3.93
CA LEU A 46 13.17 -14.07 -3.17
C LEU A 46 13.66 -12.70 -3.67
N GLY A 47 14.95 -12.63 -3.97
CA GLY A 47 15.55 -11.38 -4.41
C GLY A 47 14.93 -10.86 -5.70
N GLY A 48 14.78 -11.74 -6.67
CA GLY A 48 14.14 -11.36 -7.92
C GLY A 48 12.78 -10.75 -7.65
N ARG A 49 12.06 -11.31 -6.68
CA ARG A 49 10.75 -10.79 -6.31
C ARG A 49 10.80 -9.46 -5.55
N GLN A 50 11.86 -9.22 -4.77
CA GLN A 50 12.03 -7.97 -4.04
C GLN A 50 12.31 -6.84 -5.02
N VAL A 51 13.05 -7.17 -6.07
CA VAL A 51 13.38 -6.18 -7.11
C VAL A 51 12.14 -5.75 -7.87
N ILE A 52 11.30 -6.73 -8.20
CA ILE A 52 10.01 -6.44 -8.81
C ILE A 52 9.17 -5.54 -7.90
N ALA A 53 9.18 -5.82 -6.60
CA ALA A 53 8.52 -4.98 -5.61
C ALA A 53 9.07 -3.57 -5.61
N ALA A 54 10.39 -3.47 -5.79
CA ALA A 54 11.03 -2.17 -5.71
C ALA A 54 10.63 -1.29 -6.88
N VAL A 55 10.35 -1.92 -8.01
CA VAL A 55 9.86 -1.22 -9.18
C VAL A 55 8.49 -0.63 -8.86
N LYS A 56 7.60 -1.47 -8.34
CA LYS A 56 6.27 -1.00 -7.95
C LYS A 56 6.39 0.13 -6.93
N TRP A 57 7.47 0.11 -6.16
CA TRP A 57 7.70 1.12 -5.12
C TRP A 57 8.21 2.41 -5.75
N ALA A 58 9.30 2.29 -6.51
CA ALA A 58 9.91 3.43 -7.17
C ALA A 58 8.90 4.26 -7.94
N LYS A 59 8.03 3.59 -8.69
CA LYS A 59 7.00 4.27 -9.47
C LYS A 59 6.01 5.09 -8.64
N ALA A 60 5.88 4.74 -7.36
CA ALA A 60 4.90 5.42 -6.51
C ALA A 60 5.56 6.60 -5.80
N ILE A 61 6.89 6.67 -5.90
CA ILE A 61 7.66 7.75 -5.32
C ILE A 61 7.43 9.05 -6.11
N PRO A 62 6.82 10.04 -5.45
CA PRO A 62 6.53 11.33 -6.08
C PRO A 62 7.72 11.86 -6.90
N GLY A 63 7.49 12.15 -8.17
CA GLY A 63 8.54 12.68 -9.03
C GLY A 63 9.21 11.67 -9.93
N PHE A 64 9.36 10.44 -9.45
CA PHE A 64 10.06 9.38 -10.17
C PHE A 64 9.41 9.05 -11.52
N ARG A 65 8.11 8.82 -11.51
CA ARG A 65 7.37 8.52 -12.74
C ARG A 65 7.49 9.66 -13.74
N ASN A 66 7.82 10.85 -13.25
CA ASN A 66 7.88 12.02 -14.10
C ASN A 66 9.22 12.17 -14.80
N LEU A 67 10.19 11.34 -14.40
CA LEU A 67 11.45 11.25 -15.13
C LEU A 67 11.26 10.49 -16.44
N HIS A 68 12.15 10.72 -17.40
CA HIS A 68 12.18 9.92 -18.62
C HIS A 68 12.24 8.44 -18.28
N LEU A 69 11.62 7.62 -19.13
CA LEU A 69 11.51 6.19 -18.89
C LEU A 69 12.89 5.54 -18.85
N ASP A 70 13.78 5.98 -19.72
CA ASP A 70 15.14 5.44 -19.69
C ASP A 70 15.83 5.84 -18.39
N ASP A 71 15.58 7.06 -17.92
CA ASP A 71 16.09 7.50 -16.61
C ASP A 71 15.63 6.52 -15.52
N GLN A 72 14.31 6.31 -15.46
CA GLN A 72 13.71 5.40 -14.49
C GLN A 72 14.37 4.03 -14.50
N MET A 73 14.66 3.51 -15.69
CA MET A 73 15.29 2.20 -15.80
C MET A 73 16.71 2.23 -15.32
N THR A 74 17.47 3.21 -15.79
CA THR A 74 18.86 3.33 -15.40
C THR A 74 19.03 3.38 -13.87
N LEU A 75 18.07 3.97 -13.17
CA LEU A 75 18.24 4.17 -11.73
C LEU A 75 17.93 2.91 -10.93
N LEU A 76 16.92 2.16 -11.36
CA LEU A 76 16.64 0.86 -10.78
C LEU A 76 17.76 -0.12 -11.10
N GLN A 77 18.31 0.01 -12.31
CA GLN A 77 19.43 -0.83 -12.72
C GLN A 77 20.64 -0.58 -11.85
N TYR A 78 20.91 0.69 -11.55
CA TYR A 78 22.06 1.06 -10.71
C TYR A 78 21.87 0.75 -9.22
N SER A 79 20.63 0.85 -8.76
CA SER A 79 20.41 0.94 -7.33
C SER A 79 19.73 -0.30 -6.69
N TRP A 80 19.27 -1.25 -7.50
CA TRP A 80 18.54 -2.39 -6.91
C TRP A 80 19.22 -2.99 -5.68
N MET A 81 20.52 -3.21 -5.76
CA MET A 81 21.19 -3.86 -4.65
C MET A 81 21.38 -2.92 -3.46
N TYR A 82 21.41 -1.61 -3.73
CA TYR A 82 21.49 -0.58 -2.68
C TYR A 82 20.22 -0.68 -1.88
N LEU A 83 19.09 -0.77 -2.57
CA LEU A 83 17.78 -0.85 -1.95
C LEU A 83 17.60 -2.20 -1.22
N MET A 84 18.13 -3.28 -1.81
CA MET A 84 17.98 -4.60 -1.21
C MET A 84 18.76 -4.59 0.09
N ALA A 85 19.99 -4.14 0.00
CA ALA A 85 20.90 -4.17 1.12
C ALA A 85 20.42 -3.27 2.23
N PHE A 86 19.87 -2.11 1.88
CA PHE A 86 19.47 -1.14 2.89
C PHE A 86 18.20 -1.59 3.59
N ALA A 87 17.29 -2.18 2.81
CA ALA A 87 16.02 -2.68 3.34
C ALA A 87 16.22 -3.89 4.25
N LEU A 88 17.19 -4.73 3.90
CA LEU A 88 17.58 -5.88 4.74
C LEU A 88 18.19 -5.36 6.05
N GLY A 89 19.15 -4.44 5.93
CA GLY A 89 19.73 -3.78 7.09
C GLY A 89 18.65 -3.30 8.05
N TRP A 90 17.68 -2.56 7.52
CA TRP A 90 16.60 -2.08 8.34
C TRP A 90 15.86 -3.21 9.03
N ARG A 91 15.34 -4.17 8.25
CA ARG A 91 14.65 -5.33 8.79
C ARG A 91 15.44 -6.03 9.88
N SER A 92 16.72 -6.21 9.62
CA SER A 92 17.58 -6.97 10.52
C SER A 92 17.78 -6.19 11.81
N TYR A 93 17.97 -4.88 11.65
CA TYR A 93 18.14 -3.98 12.79
C TYR A 93 16.89 -4.03 13.63
N ARG A 94 15.73 -3.84 13.00
CA ARG A 94 14.48 -3.86 13.77
C ARG A 94 14.24 -5.20 14.47
N GLN A 95 15.11 -6.19 14.26
CA GLN A 95 14.85 -7.53 14.79
C GLN A 95 15.41 -7.93 16.16
N ASN A 99 21.13 -9.90 16.56
CA ASN A 99 22.20 -9.70 15.59
C ASN A 99 22.13 -10.41 14.24
N LEU A 100 20.94 -10.71 13.74
CA LEU A 100 20.87 -11.58 12.56
C LEU A 100 20.39 -10.91 11.27
N LEU A 101 20.78 -11.49 10.13
CA LEU A 101 20.29 -11.07 8.83
C LEU A 101 18.93 -11.69 8.54
N CYS A 102 17.88 -10.86 8.60
CA CYS A 102 16.52 -11.37 8.48
C CYS A 102 16.01 -11.23 7.05
N PHE A 103 16.57 -12.03 6.14
CA PHE A 103 16.19 -11.98 4.74
C PHE A 103 14.69 -12.12 4.53
N ALA A 104 14.08 -12.93 5.38
CA ALA A 104 12.64 -13.14 5.40
C ALA A 104 12.30 -13.76 6.75
N PRO A 105 11.04 -13.63 7.18
CA PRO A 105 10.65 -14.18 8.49
C PRO A 105 10.94 -15.67 8.57
N ASP A 106 10.88 -16.35 7.43
CA ASP A 106 11.16 -17.76 7.34
C ASP A 106 12.53 -18.04 6.73
N LEU A 107 13.39 -17.02 6.68
CA LEU A 107 14.76 -17.22 6.23
C LEU A 107 15.71 -16.24 6.93
N ILE A 108 16.07 -16.55 8.18
CA ILE A 108 16.96 -15.72 8.97
C ILE A 108 18.33 -16.36 9.02
N ILE A 109 19.36 -15.64 8.58
CA ILE A 109 20.71 -16.18 8.67
C ILE A 109 21.21 -16.03 10.10
N ASN A 110 21.08 -17.12 10.86
CA ASN A 110 21.51 -17.18 12.25
C ASN A 110 22.96 -17.62 12.35
N GLU A 111 23.42 -17.79 13.58
CA GLU A 111 24.82 -18.11 13.81
C GLU A 111 25.24 -19.34 13.01
N GLN A 112 24.50 -20.42 13.15
CA GLN A 112 24.75 -21.62 12.36
C GLN A 112 24.85 -21.29 10.87
N ARG A 113 23.80 -20.71 10.31
CA ARG A 113 23.80 -20.42 8.88
C ARG A 113 24.94 -19.48 8.50
N MET A 114 25.24 -18.53 9.37
CA MET A 114 26.31 -17.57 9.12
C MET A 114 27.63 -18.29 8.82
N THR A 115 27.82 -19.42 9.48
CA THR A 115 29.08 -20.15 9.38
C THR A 115 29.15 -21.16 8.23
N LEU A 116 28.07 -21.30 7.47
CA LEU A 116 28.08 -22.11 6.24
C LEU A 116 29.15 -21.64 5.25
N PRO A 117 29.70 -22.58 4.47
CA PRO A 117 30.79 -22.25 3.55
C PRO A 117 30.48 -21.06 2.65
N GLY A 118 31.41 -20.12 2.56
CA GLY A 118 31.29 -18.99 1.64
C GLY A 118 30.14 -18.04 1.92
N MET A 119 29.65 -18.03 3.15
CA MET A 119 28.46 -17.24 3.49
C MET A 119 28.79 -15.93 4.18
N TYR A 120 29.79 -15.93 5.06
CA TYR A 120 30.11 -14.75 5.83
C TYR A 120 30.74 -13.66 4.95
N ASP A 121 31.40 -14.07 3.87
CA ASP A 121 32.08 -13.11 3.00
C ASP A 121 31.12 -12.20 2.24
N GLN A 122 29.83 -12.45 2.36
CA GLN A 122 28.81 -11.61 1.75
C GLN A 122 28.01 -10.95 2.86
N CYS A 123 27.60 -11.74 3.84
CA CYS A 123 26.68 -11.25 4.86
C CYS A 123 27.30 -10.16 5.71
N LYS A 124 28.62 -10.18 5.85
CA LYS A 124 29.30 -9.23 6.70
C LYS A 124 29.14 -7.82 6.15
N HIS A 125 28.88 -7.71 4.85
CA HIS A 125 28.60 -6.42 4.26
C HIS A 125 27.17 -6.03 4.59
N MET A 126 26.27 -6.99 4.53
CA MET A 126 24.92 -6.73 4.99
C MET A 126 24.93 -6.37 6.46
N LEU A 127 25.72 -7.10 7.24
CA LEU A 127 25.74 -6.91 8.69
C LEU A 127 26.21 -5.51 9.05
N TYR A 128 27.19 -5.01 8.29
CA TYR A 128 27.68 -3.66 8.51
C TYR A 128 26.55 -2.64 8.38
N VAL A 129 25.70 -2.83 7.38
CA VAL A 129 24.57 -1.92 7.17
C VAL A 129 23.66 -1.97 8.39
N SER A 130 23.34 -3.19 8.81
CA SER A 130 22.52 -3.40 9.99
C SER A 130 23.16 -2.77 11.23
N SER A 131 24.47 -2.94 11.36
CA SER A 131 25.20 -2.49 12.54
C SER A 131 25.24 -0.97 12.59
N GLU A 132 25.38 -0.37 11.42
CA GLU A 132 25.45 1.09 11.30
C GLU A 132 24.13 1.75 11.62
N LEU A 133 23.05 1.19 11.07
CA LEU A 133 21.71 1.65 11.39
C LEU A 133 21.49 1.62 12.90
N HIS A 134 21.92 0.52 13.50
CA HIS A 134 21.75 0.35 14.92
C HIS A 134 22.63 1.29 15.73
N ARG A 135 23.87 1.50 15.30
CA ARG A 135 24.78 2.35 16.04
C ARG A 135 24.27 3.78 16.04
N LEU A 136 23.73 4.22 14.91
CA LEU A 136 23.21 5.58 14.80
C LEU A 136 21.77 5.63 15.30
N GLN A 137 21.22 4.48 15.68
CA GLN A 137 19.82 4.43 16.11
C GLN A 137 18.96 5.24 15.15
N VAL A 138 19.09 4.92 13.87
CA VAL A 138 18.33 5.58 12.81
C VAL A 138 16.85 5.30 13.02
N SER A 139 16.01 6.33 12.94
CA SER A 139 14.57 6.14 13.09
C SER A 139 13.94 5.71 11.77
N TYR A 140 12.63 5.49 11.80
CA TYR A 140 11.88 5.03 10.64
C TYR A 140 11.83 6.07 9.53
N GLU A 141 11.33 7.27 9.86
CA GLU A 141 11.24 8.34 8.86
C GLU A 141 12.61 8.67 8.27
N GLU A 142 13.65 8.67 9.09
CA GLU A 142 14.99 8.85 8.54
C GLU A 142 15.29 7.71 7.56
N TYR A 143 14.98 6.49 7.96
CA TYR A 143 15.18 5.33 7.09
C TYR A 143 14.45 5.47 5.76
N LEU A 144 13.16 5.83 5.82
CA LEU A 144 12.38 6.03 4.61
C LEU A 144 13.04 7.02 3.66
N CYS A 145 13.44 8.19 4.18
CA CYS A 145 13.99 9.22 3.32
C CYS A 145 15.31 8.75 2.77
N MET A 146 16.08 8.07 3.62
CA MET A 146 17.39 7.59 3.20
C MET A 146 17.26 6.54 2.07
N LYS A 147 16.25 5.67 2.17
CA LYS A 147 16.11 4.61 1.16
C LYS A 147 15.84 5.26 -0.23
N THR A 148 14.91 6.21 -0.26
CA THR A 148 14.63 6.96 -1.49
C THR A 148 15.91 7.58 -2.06
N LEU A 149 16.70 8.21 -1.21
CA LEU A 149 17.96 8.77 -1.65
C LEU A 149 18.89 7.74 -2.27
N LEU A 150 18.85 6.51 -1.76
CA LEU A 150 19.63 5.42 -2.33
C LEU A 150 19.20 5.08 -3.78
N LEU A 151 17.90 5.15 -4.07
CA LEU A 151 17.42 5.08 -5.45
C LEU A 151 18.13 6.15 -6.29
N LEU A 152 18.45 7.29 -5.69
CA LEU A 152 19.01 8.43 -6.42
C LEU A 152 20.49 8.64 -6.15
N SER A 153 21.20 7.56 -5.82
CA SER A 153 22.57 7.67 -5.34
C SER A 153 23.58 7.58 -6.46
N SER A 154 23.13 7.22 -7.65
CA SER A 154 24.06 6.97 -8.75
C SER A 154 23.43 7.32 -10.10
N VAL A 155 24.20 8.00 -10.95
CA VAL A 155 23.74 8.42 -12.28
C VAL A 155 24.84 8.21 -13.33
N PRO A 156 24.47 8.10 -14.62
CA PRO A 156 25.49 7.87 -15.64
C PRO A 156 26.47 9.04 -15.70
N LYS A 157 27.75 8.76 -15.92
CA LYS A 157 28.75 9.82 -16.07
C LYS A 157 28.28 10.92 -17.03
N ASP A 158 27.82 10.51 -18.21
CA ASP A 158 27.39 11.45 -19.23
C ASP A 158 26.13 12.22 -18.82
N GLY A 159 25.44 11.72 -17.80
CA GLY A 159 24.25 12.39 -17.30
C GLY A 159 22.97 11.67 -17.66
N LEU A 160 21.88 12.06 -17.02
CA LEU A 160 20.57 11.51 -17.30
C LEU A 160 19.86 12.37 -18.33
N LYS A 161 18.77 11.86 -18.88
CA LYS A 161 18.02 12.64 -19.87
C LYS A 161 17.26 13.76 -19.17
N SER A 162 16.59 13.42 -18.07
CA SER A 162 15.92 14.42 -17.25
C SER A 162 16.86 14.82 -16.12
N GLN A 163 18.08 15.21 -16.48
CA GLN A 163 19.08 15.48 -15.46
C GLN A 163 18.60 16.59 -14.53
N GLU A 164 17.85 17.53 -15.09
CA GLU A 164 17.38 18.71 -14.35
C GLU A 164 16.33 18.35 -13.30
N LEU A 165 15.31 17.61 -13.73
CA LEU A 165 14.26 17.17 -12.82
C LEU A 165 14.80 16.22 -11.75
N PHE A 166 15.77 15.37 -12.12
CA PHE A 166 16.37 14.46 -11.17
C PHE A 166 16.96 15.28 -10.02
N ASP A 167 17.77 16.27 -10.38
CA ASP A 167 18.42 17.11 -9.39
C ASP A 167 17.41 17.71 -8.40
N GLU A 168 16.28 18.16 -8.90
CA GLU A 168 15.21 18.69 -8.05
C GLU A 168 14.60 17.65 -7.12
N ILE A 169 14.29 16.46 -7.64
CA ILE A 169 13.75 15.39 -6.82
C ILE A 169 14.72 15.00 -5.72
N ARG A 170 16.00 14.94 -6.07
CA ARG A 170 17.00 14.49 -5.13
C ARG A 170 17.18 15.55 -4.05
N MET A 171 17.31 16.81 -4.45
CA MET A 171 17.44 17.87 -3.46
C MET A 171 16.20 17.87 -2.58
N THR A 172 15.05 17.58 -3.19
CA THR A 172 13.82 17.51 -2.42
C THR A 172 13.91 16.47 -1.29
N TYR A 173 14.50 15.32 -1.59
CA TYR A 173 14.55 14.27 -0.57
C TYR A 173 15.63 14.51 0.46
N ILE A 174 16.68 15.24 0.05
CA ILE A 174 17.69 15.64 1.00
C ILE A 174 17.07 16.54 2.06
N LYS A 175 16.18 17.43 1.63
CA LYS A 175 15.46 18.30 2.56
C LYS A 175 14.47 17.47 3.36
N GLU A 176 13.80 16.54 2.70
CA GLU A 176 12.83 15.71 3.41
C GLU A 176 13.52 14.97 4.56
N LEU A 177 14.73 14.47 4.30
CA LEU A 177 15.57 13.86 5.32
C LEU A 177 15.90 14.86 6.44
N GLY A 178 16.30 16.06 6.06
CA GLY A 178 16.56 17.10 7.05
C GLY A 178 15.37 17.27 7.97
N LYS A 179 14.18 17.32 7.39
CA LYS A 179 12.95 17.42 8.17
C LYS A 179 12.75 16.25 9.13
N ALA A 180 13.10 15.05 8.69
CA ALA A 180 12.91 13.86 9.51
C ALA A 180 13.83 13.89 10.72
N ILE A 181 15.07 14.33 10.47
CA ILE A 181 16.06 14.49 11.52
C ILE A 181 15.58 15.46 12.60
N VAL A 182 15.12 16.63 12.15
CA VAL A 182 14.61 17.68 13.05
C VAL A 182 13.38 17.19 13.81
N LYS A 183 12.50 16.49 13.09
CA LYS A 183 11.24 16.02 13.63
C LYS A 183 11.50 14.92 14.66
N ARG A 184 12.66 14.28 14.56
CA ARG A 184 13.05 13.20 15.45
C ARG A 184 13.01 13.66 16.90
N GLU A 185 12.63 12.76 17.81
CA GLU A 185 12.58 13.08 19.22
C GLU A 185 13.93 12.89 19.91
N GLY A 186 14.63 13.99 20.15
CA GLY A 186 15.92 13.98 20.82
C GLY A 186 16.32 15.38 21.25
N ASN A 187 17.60 15.72 21.04
CA ASN A 187 18.07 17.07 21.29
C ASN A 187 18.51 17.75 19.99
N SER A 188 17.97 18.94 19.74
CA SER A 188 18.18 19.63 18.47
C SER A 188 19.60 20.16 18.24
N SER A 189 20.43 20.10 19.26
CA SER A 189 21.81 20.57 19.14
C SER A 189 22.64 19.61 18.29
N GLN A 190 22.09 18.42 18.03
CA GLN A 190 22.79 17.37 17.32
C GLN A 190 22.39 17.30 15.83
N ASN A 191 21.37 18.08 15.44
CA ASN A 191 20.77 17.98 14.10
C ASN A 191 21.73 18.01 12.92
N TRP A 192 22.57 19.02 12.86
CA TRP A 192 23.49 19.17 11.73
C TRP A 192 24.54 18.07 11.80
N GLN A 193 24.90 17.72 13.02
CA GLN A 193 25.82 16.63 13.25
C GLN A 193 25.22 15.30 12.80
N ARG A 194 23.94 15.10 13.09
CA ARG A 194 23.26 13.87 12.68
C ARG A 194 23.15 13.81 11.16
N PHE A 195 22.75 14.92 10.54
CA PHE A 195 22.64 14.97 9.09
C PHE A 195 24.00 14.58 8.50
N TYR A 196 25.08 15.08 9.11
CA TYR A 196 26.42 14.67 8.69
C TYR A 196 26.63 13.14 8.81
N GLN A 197 26.19 12.55 9.93
CA GLN A 197 26.39 11.11 10.17
C GLN A 197 25.59 10.25 9.20
N LEU A 198 24.32 10.58 9.04
CA LEU A 198 23.43 9.88 8.11
C LEU A 198 23.86 9.88 6.63
N THR A 199 24.35 11.00 6.13
CA THR A 199 24.77 11.06 4.73
C THR A 199 26.12 10.38 4.58
N LYS A 200 26.85 10.34 5.69
CA LYS A 200 28.11 9.61 5.76
C LYS A 200 27.83 8.12 5.56
N LEU A 201 26.72 7.66 6.12
CA LEU A 201 26.30 6.27 5.93
C LEU A 201 25.82 6.04 4.50
N LEU A 202 24.94 6.93 4.01
CA LEU A 202 24.53 6.86 2.61
C LEU A 202 25.75 6.75 1.73
N ASP A 203 26.72 7.61 1.97
CA ASP A 203 27.97 7.56 1.21
C ASP A 203 28.64 6.18 1.30
N SER A 204 28.64 5.58 2.48
CA SER A 204 29.34 4.30 2.64
C SER A 204 28.65 3.16 1.90
N MET A 205 27.38 3.32 1.56
CA MET A 205 26.63 2.30 0.82
C MET A 205 27.25 1.95 -0.52
N HIS A 206 27.97 2.89 -1.12
CA HIS A 206 28.65 2.59 -2.38
C HIS A 206 29.65 1.46 -2.22
N GLU A 207 30.53 1.57 -1.23
CA GLU A 207 31.52 0.55 -0.94
C GLU A 207 30.85 -0.80 -0.65
N VAL A 208 29.87 -0.79 0.26
CA VAL A 208 29.07 -1.97 0.57
C VAL A 208 28.59 -2.70 -0.67
N VAL A 209 27.82 -1.98 -1.50
CA VAL A 209 27.19 -2.55 -2.68
C VAL A 209 28.24 -3.06 -3.66
N GLU A 210 29.32 -2.31 -3.82
CA GLU A 210 30.40 -2.76 -4.70
C GLU A 210 30.87 -4.16 -4.30
N ASN A 211 31.05 -4.38 -3.00
CA ASN A 211 31.41 -5.71 -2.51
C ASN A 211 30.31 -6.74 -2.75
N LEU A 212 29.10 -6.42 -2.34
CA LEU A 212 27.96 -7.30 -2.54
C LEU A 212 27.86 -7.72 -4.00
N LEU A 213 28.04 -6.76 -4.90
CA LEU A 213 27.93 -7.05 -6.32
C LEU A 213 29.10 -7.88 -6.85
N ASN A 214 30.30 -7.66 -6.33
CA ASN A 214 31.46 -8.42 -6.82
C ASN A 214 31.36 -9.91 -6.51
N TYR A 215 30.56 -10.23 -5.51
CA TYR A 215 30.43 -11.61 -5.06
C TYR A 215 29.12 -12.22 -5.54
N CYS A 216 28.19 -11.34 -5.93
CA CYS A 216 26.95 -11.79 -6.55
C CYS A 216 27.18 -11.99 -8.05
N PHE A 217 27.95 -11.08 -8.63
CA PHE A 217 28.30 -11.18 -10.04
C PHE A 217 29.13 -12.43 -10.34
N GLN A 218 30.29 -12.54 -9.70
CA GLN A 218 31.17 -13.67 -9.98
C GLN A 218 30.47 -15.01 -9.73
N THR A 219 29.53 -15.00 -8.80
CA THR A 219 28.71 -16.18 -8.52
C THR A 219 27.77 -16.45 -9.70
N PHE A 220 27.29 -15.39 -10.33
CA PHE A 220 26.44 -15.49 -11.49
C PHE A 220 27.24 -16.02 -12.67
N LEU A 221 28.51 -15.63 -12.73
CA LEU A 221 29.38 -15.99 -13.85
C LEU A 221 30.03 -17.35 -13.68
N ASP A 222 30.05 -17.84 -12.44
CA ASP A 222 30.71 -19.11 -12.12
C ASP A 222 29.99 -20.27 -12.81
N LYS A 223 30.56 -20.71 -13.93
CA LYS A 223 29.97 -21.78 -14.73
C LYS A 223 29.93 -23.12 -13.99
N THR A 224 30.63 -23.21 -12.85
CA THR A 224 30.74 -24.46 -12.12
C THR A 224 30.01 -24.44 -10.76
N MET A 225 28.93 -23.68 -10.65
CA MET A 225 28.20 -23.57 -9.39
C MET A 225 26.72 -23.95 -9.48
N SER A 226 26.15 -23.89 -10.67
CA SER A 226 24.75 -24.25 -10.87
C SER A 226 23.82 -23.58 -9.86
N ILE A 227 23.89 -22.25 -9.76
CA ILE A 227 22.91 -21.53 -8.98
C ILE A 227 21.90 -20.84 -9.91
N GLU A 228 20.61 -21.04 -9.61
CA GLU A 228 19.51 -20.48 -10.38
C GLU A 228 19.20 -19.02 -9.99
N PHE A 229 19.28 -18.11 -10.95
CA PHE A 229 18.82 -16.74 -10.77
C PHE A 229 17.51 -16.57 -11.54
N PRO A 230 16.51 -15.92 -10.93
CA PRO A 230 15.27 -15.70 -11.69
C PRO A 230 15.54 -14.76 -12.89
N GLU A 231 14.59 -14.67 -13.81
CA GLU A 231 14.82 -13.98 -15.07
C GLU A 231 14.93 -12.47 -14.89
N MET A 232 14.00 -11.90 -14.15
CA MET A 232 14.06 -10.49 -13.80
C MET A 232 15.49 -10.12 -13.39
N LEU A 233 16.08 -10.96 -12.55
CA LEU A 233 17.36 -10.66 -11.94
C LEU A 233 18.53 -10.95 -12.87
N ALA A 234 18.44 -12.04 -13.61
CA ALA A 234 19.49 -12.37 -14.57
C ALA A 234 19.66 -11.28 -15.64
N GLU A 235 18.55 -10.67 -16.05
CA GLU A 235 18.60 -9.56 -17.01
C GLU A 235 19.45 -8.42 -16.47
N ILE A 236 19.07 -7.92 -15.30
CA ILE A 236 19.75 -6.78 -14.71
C ILE A 236 21.22 -7.10 -14.49
N ILE A 237 21.50 -8.30 -14.00
CA ILE A 237 22.88 -8.67 -13.68
C ILE A 237 23.76 -8.66 -14.95
N THR A 238 23.25 -9.25 -16.02
CA THR A 238 24.00 -9.31 -17.27
C THR A 238 24.20 -7.92 -17.84
N ASN A 239 23.15 -7.10 -17.78
CA ASN A 239 23.21 -5.75 -18.31
C ASN A 239 24.15 -4.85 -17.52
N GLN A 240 24.38 -5.20 -16.26
CA GLN A 240 25.21 -4.38 -15.38
C GLN A 240 26.70 -4.69 -15.44
N ILE A 241 27.04 -5.98 -15.54
CA ILE A 241 28.45 -6.40 -15.50
C ILE A 241 29.35 -5.59 -16.44
N PRO A 242 28.87 -5.28 -17.66
CA PRO A 242 29.60 -4.39 -18.57
C PRO A 242 29.86 -2.99 -17.98
N LYS A 243 28.81 -2.26 -17.62
CA LYS A 243 28.93 -0.88 -17.12
C LYS A 243 29.78 -0.77 -15.86
N TYR A 244 29.75 -1.81 -15.03
CA TYR A 244 30.41 -1.78 -13.72
C TYR A 244 31.93 -1.86 -13.86
N SER A 245 32.40 -2.20 -15.06
CA SER A 245 33.82 -2.20 -15.36
C SER A 245 34.12 -1.11 -16.38
N ASN A 246 33.07 -0.58 -16.99
CA ASN A 246 33.20 0.48 -17.99
C ASN A 246 33.30 1.86 -17.33
N GLY A 247 33.15 1.87 -16.01
CA GLY A 247 33.29 3.08 -15.23
C GLY A 247 32.46 4.25 -15.71
N ASN A 248 31.30 3.96 -16.30
CA ASN A 248 30.42 5.01 -16.78
C ASN A 248 29.40 5.40 -15.72
N ILE A 249 29.78 5.23 -14.45
CA ILE A 249 28.89 5.51 -13.34
C ILE A 249 29.39 6.64 -12.42
N LYS A 250 28.58 7.68 -12.29
CA LYS A 250 28.86 8.74 -11.34
C LYS A 250 28.15 8.38 -10.05
N LYS A 251 28.92 8.00 -9.04
CA LYS A 251 28.35 7.70 -7.74
C LYS A 251 28.31 8.98 -6.94
N LEU A 252 27.10 9.52 -6.72
CA LEU A 252 26.91 10.79 -6.03
C LEU A 252 27.33 10.71 -4.57
N LEU A 253 28.24 11.59 -4.16
CA LEU A 253 28.70 11.63 -2.79
C LEU A 253 28.20 12.85 -2.06
N PHE A 254 27.85 12.70 -0.78
CA PHE A 254 27.59 13.86 0.07
C PHE A 254 28.89 14.45 0.58
N HIS A 255 29.94 13.65 0.63
CA HIS A 255 31.19 14.06 1.23
C HIS A 255 32.36 13.62 0.37
N GLN A 256 33.03 14.59 -0.25
CA GLN A 256 34.13 14.32 -1.15
C GLN A 256 35.40 14.04 -0.34
N GLU B 1 17.16 -3.65 -23.63
CA GLU B 1 17.62 -5.04 -23.49
C GLU B 1 17.02 -5.72 -22.26
N ASN B 2 16.24 -4.97 -21.49
CA ASN B 2 15.53 -5.55 -20.35
C ASN B 2 14.02 -5.31 -20.47
N ALA B 3 13.37 -6.19 -21.24
CA ALA B 3 11.95 -6.02 -21.56
C ALA B 3 11.07 -6.05 -20.33
N LEU B 4 11.44 -6.92 -19.38
CA LEU B 4 10.69 -7.10 -18.15
C LEU B 4 10.67 -5.81 -17.34
N LEU B 5 11.86 -5.30 -17.03
CA LEU B 5 11.96 -4.03 -16.32
C LEU B 5 11.19 -2.93 -17.10
N ARG B 6 11.47 -2.79 -18.38
CA ARG B 6 10.72 -1.81 -19.19
C ARG B 6 9.22 -2.03 -19.07
N TYR B 7 8.78 -3.27 -19.27
CA TYR B 7 7.37 -3.61 -19.12
C TYR B 7 6.81 -3.16 -17.76
N LEU B 8 7.49 -3.57 -16.68
CA LEU B 8 7.07 -3.20 -15.33
C LEU B 8 7.03 -1.69 -15.10
N LEU B 9 7.97 -0.99 -15.70
CA LEU B 9 8.03 0.46 -15.51
C LEU B 9 6.91 1.18 -16.26
N ASP B 10 6.76 0.85 -17.54
CA ASP B 10 5.74 1.50 -18.37
C ASP B 10 4.36 0.97 -18.03
N LYS B 11 3.87 1.31 -16.83
CA LYS B 11 2.61 0.80 -16.31
C LYS B 11 2.50 -0.71 -16.45
N LEU C 5 7.56 18.81 -10.45
CA LEU C 5 7.54 19.83 -9.40
C LEU C 5 6.24 19.81 -8.59
N PRO C 6 5.09 19.84 -9.28
CA PRO C 6 3.80 19.86 -8.56
C PRO C 6 3.52 18.55 -7.85
N GLN C 7 4.26 17.50 -8.18
CA GLN C 7 4.07 16.20 -7.53
C GLN C 7 4.87 16.14 -6.23
N LEU C 8 6.09 16.67 -6.27
CA LEU C 8 6.92 16.77 -5.07
C LEU C 8 6.15 17.46 -3.95
N THR C 9 4.99 18.00 -4.32
CA THR C 9 4.02 18.55 -3.38
C THR C 9 2.76 17.70 -3.47
N PRO C 10 2.80 16.48 -2.90
CA PRO C 10 1.80 15.45 -3.14
C PRO C 10 0.40 15.84 -2.69
N THR C 11 -0.60 15.47 -3.49
CA THR C 11 -1.99 15.81 -3.20
C THR C 11 -2.64 14.85 -2.20
N LEU C 12 -3.80 15.25 -1.70
CA LEU C 12 -4.57 14.42 -0.79
C LEU C 12 -5.16 13.24 -1.56
N VAL C 13 -5.61 13.51 -2.79
CA VAL C 13 -6.18 12.47 -3.64
C VAL C 13 -5.14 11.42 -4.01
N SER C 14 -3.90 11.86 -4.21
CA SER C 14 -2.84 10.97 -4.61
C SER C 14 -2.57 9.94 -3.52
N LEU C 15 -2.64 10.38 -2.27
CA LEU C 15 -2.47 9.44 -1.17
C LEU C 15 -3.64 8.45 -1.14
N LEU C 16 -4.85 8.98 -1.27
CA LEU C 16 -6.04 8.14 -1.32
C LEU C 16 -5.88 6.98 -2.30
N GLU C 17 -5.21 7.25 -3.43
CA GLU C 17 -4.87 6.17 -4.34
C GLU C 17 -4.07 5.13 -3.61
N VAL C 18 -2.81 5.48 -3.32
CA VAL C 18 -1.89 4.56 -2.64
C VAL C 18 -2.60 3.60 -1.68
N ILE C 19 -3.39 4.15 -0.77
CA ILE C 19 -4.01 3.36 0.29
C ILE C 19 -5.26 2.56 -0.12
N GLU C 20 -5.62 2.61 -1.40
CA GLU C 20 -6.80 1.90 -1.90
C GLU C 20 -6.61 0.39 -1.79
N PRO C 21 -7.52 -0.29 -1.07
CA PRO C 21 -7.37 -1.71 -0.73
C PRO C 21 -7.21 -2.64 -1.93
N GLU C 22 -6.44 -3.70 -1.76
CA GLU C 22 -6.26 -4.71 -2.80
C GLU C 22 -7.56 -5.44 -3.08
N VAL C 23 -7.61 -6.11 -4.24
CA VAL C 23 -8.74 -6.97 -4.58
C VAL C 23 -8.58 -8.32 -3.88
N LEU C 24 -9.62 -8.74 -3.17
CA LEU C 24 -9.59 -10.04 -2.51
C LEU C 24 -10.38 -11.07 -3.30
N TYR C 25 -10.00 -12.33 -3.18
CA TYR C 25 -10.76 -13.40 -3.82
C TYR C 25 -11.71 -14.01 -2.80
N ALA C 26 -12.79 -14.58 -3.32
CA ALA C 26 -13.82 -15.18 -2.47
C ALA C 26 -13.49 -16.63 -2.16
N GLY C 27 -12.58 -17.21 -2.94
CA GLY C 27 -12.30 -18.62 -2.84
C GLY C 27 -13.57 -19.44 -2.99
N TYR C 28 -14.33 -19.14 -4.04
CA TYR C 28 -15.59 -19.81 -4.28
C TYR C 28 -15.36 -20.96 -5.24
N ASP C 29 -15.71 -22.16 -4.82
CA ASP C 29 -15.55 -23.35 -5.66
C ASP C 29 -16.51 -23.31 -6.84
N SER C 30 -15.95 -23.06 -8.03
CA SER C 30 -16.75 -22.86 -9.23
C SER C 30 -17.28 -24.17 -9.85
N SER C 31 -16.85 -25.32 -9.31
CA SER C 31 -17.21 -26.62 -9.87
C SER C 31 -18.28 -27.37 -9.05
N VAL C 32 -18.84 -26.70 -8.06
CA VAL C 32 -20.02 -27.19 -7.35
C VAL C 32 -21.17 -26.31 -7.81
N PRO C 33 -22.39 -26.85 -7.89
CA PRO C 33 -23.52 -25.98 -8.23
C PRO C 33 -23.67 -24.82 -7.25
N ASP C 34 -24.35 -23.76 -7.66
CA ASP C 34 -24.60 -22.62 -6.78
C ASP C 34 -25.91 -22.79 -6.01
N SER C 35 -26.02 -22.11 -4.89
CA SER C 35 -27.27 -21.97 -4.17
C SER C 35 -27.17 -20.61 -3.47
N THR C 36 -28.30 -19.98 -3.19
CA THR C 36 -28.28 -18.71 -2.47
C THR C 36 -27.52 -18.86 -1.16
N TRP C 37 -27.68 -20.02 -0.52
CA TRP C 37 -27.00 -20.29 0.73
C TRP C 37 -25.48 -20.18 0.61
N ARG C 38 -24.93 -20.84 -0.40
CA ARG C 38 -23.48 -20.91 -0.59
C ARG C 38 -22.89 -19.54 -0.92
N ILE C 39 -23.57 -18.80 -1.78
CA ILE C 39 -23.10 -17.47 -2.16
C ILE C 39 -23.18 -16.51 -0.97
N MET C 40 -24.30 -16.50 -0.27
CA MET C 40 -24.44 -15.62 0.89
C MET C 40 -23.32 -15.89 1.89
N THR C 41 -23.01 -17.17 2.11
CA THR C 41 -22.00 -17.56 3.10
C THR C 41 -20.61 -17.16 2.63
N THR C 42 -20.33 -17.39 1.35
CA THR C 42 -19.03 -16.99 0.81
C THR C 42 -18.89 -15.46 0.78
N LEU C 43 -20.00 -14.74 0.63
CA LEU C 43 -19.96 -13.27 0.61
C LEU C 43 -19.79 -12.68 2.02
N ASN C 44 -20.30 -13.40 3.01
CA ASN C 44 -20.11 -13.04 4.41
C ASN C 44 -18.65 -13.15 4.81
N MET C 45 -18.04 -14.25 4.41
CA MET C 45 -16.63 -14.43 4.69
C MET C 45 -15.78 -13.38 3.97
N LEU C 46 -16.03 -13.17 2.69
CA LEU C 46 -15.33 -12.15 1.92
C LEU C 46 -15.54 -10.81 2.54
N GLY C 47 -16.78 -10.54 2.94
CA GLY C 47 -17.11 -9.25 3.49
C GLY C 47 -16.38 -8.95 4.80
N GLY C 48 -16.30 -9.96 5.65
CA GLY C 48 -15.58 -9.81 6.91
C GLY C 48 -14.19 -9.31 6.61
N ARG C 49 -13.57 -9.94 5.62
CA ARG C 49 -12.22 -9.59 5.23
C ARG C 49 -12.14 -8.21 4.57
N GLN C 50 -13.23 -7.79 3.93
CA GLN C 50 -13.27 -6.46 3.32
C GLN C 50 -13.38 -5.39 4.41
N VAL C 51 -14.17 -5.66 5.45
CA VAL C 51 -14.34 -4.70 6.52
C VAL C 51 -13.03 -4.50 7.28
N ILE C 52 -12.36 -5.60 7.60
CA ILE C 52 -11.05 -5.54 8.25
C ILE C 52 -10.13 -4.65 7.41
N ALA C 53 -10.17 -4.83 6.09
CA ALA C 53 -9.33 -4.03 5.19
C ALA C 53 -9.75 -2.57 5.17
N ALA C 54 -11.05 -2.33 5.36
CA ALA C 54 -11.54 -0.96 5.40
C ALA C 54 -11.00 -0.24 6.63
N VAL C 55 -10.71 -0.98 7.69
CA VAL C 55 -10.21 -0.41 8.93
C VAL C 55 -8.77 0.04 8.72
N LYS C 56 -7.99 -0.82 8.08
CA LYS C 56 -6.62 -0.47 7.71
C LYS C 56 -6.64 0.75 6.79
N TRP C 57 -7.68 0.85 5.96
CA TRP C 57 -7.80 1.96 5.01
C TRP C 57 -8.11 3.28 5.71
N ALA C 58 -9.15 3.25 6.55
CA ALA C 58 -9.60 4.41 7.29
C ALA C 58 -8.46 5.00 8.13
N LYS C 59 -7.74 4.14 8.85
CA LYS C 59 -6.66 4.61 9.72
C LYS C 59 -5.55 5.30 8.95
N ALA C 60 -5.41 4.99 7.67
CA ALA C 60 -4.38 5.62 6.86
C ALA C 60 -4.88 6.92 6.21
N ILE C 61 -6.17 7.21 6.34
CA ILE C 61 -6.73 8.45 5.82
C ILE C 61 -6.34 9.65 6.67
N PRO C 62 -5.60 10.60 6.07
CA PRO C 62 -5.10 11.78 6.81
C PRO C 62 -6.21 12.42 7.63
N GLY C 63 -6.02 12.50 8.94
CA GLY C 63 -7.01 13.10 9.82
C GLY C 63 -7.76 12.09 10.67
N PHE C 64 -8.04 10.92 10.09
CA PHE C 64 -8.84 9.91 10.79
C PHE C 64 -8.27 9.49 12.16
N ARG C 65 -6.98 9.15 12.19
CA ARG C 65 -6.34 8.77 13.45
C ARG C 65 -6.48 9.84 14.54
N ASN C 66 -6.57 11.10 14.13
CA ASN C 66 -6.66 12.19 15.08
C ASN C 66 -8.02 12.29 15.74
N LEU C 67 -9.03 11.69 15.13
CA LEU C 67 -10.33 11.64 15.77
C LEU C 67 -10.18 10.79 17.04
N HIS C 68 -11.03 11.04 18.03
CA HIS C 68 -11.08 10.20 19.22
C HIS C 68 -11.32 8.77 18.79
N LEU C 69 -10.69 7.82 19.49
CA LEU C 69 -10.81 6.40 19.14
C LEU C 69 -12.28 5.96 19.08
N ASP C 70 -13.11 6.51 19.96
CA ASP C 70 -14.50 6.11 20.01
C ASP C 70 -15.20 6.56 18.74
N ASP C 71 -14.84 7.75 18.25
CA ASP C 71 -15.43 8.27 17.01
C ASP C 71 -15.08 7.36 15.83
N GLN C 72 -13.79 7.03 15.70
CA GLN C 72 -13.33 6.15 14.66
C GLN C 72 -14.15 4.86 14.61
N MET C 73 -14.43 4.30 15.78
CA MET C 73 -15.20 3.05 15.83
C MET C 73 -16.62 3.32 15.37
N THR C 74 -17.17 4.44 15.82
CA THR C 74 -18.53 4.80 15.45
C THR C 74 -18.68 4.97 13.93
N LEU C 75 -17.67 5.55 13.28
CA LEU C 75 -17.79 5.87 11.86
C LEU C 75 -17.64 4.63 10.98
N LEU C 76 -16.78 3.71 11.40
CA LEU C 76 -16.64 2.44 10.69
C LEU C 76 -17.89 1.57 10.90
N GLN C 77 -18.42 1.62 12.11
CA GLN C 77 -19.65 0.92 12.42
C GLN C 77 -20.84 1.41 11.62
N TYR C 78 -20.92 2.73 11.42
CA TYR C 78 -22.04 3.31 10.68
C TYR C 78 -21.92 3.11 9.18
N SER C 79 -20.69 3.03 8.69
CA SER C 79 -20.47 3.22 7.26
C SER C 79 -19.86 2.03 6.50
N TRP C 80 -19.57 0.93 7.20
CA TRP C 80 -18.87 -0.18 6.56
C TRP C 80 -19.59 -0.59 5.29
N MET C 81 -20.93 -0.55 5.30
CA MET C 81 -21.67 -1.08 4.17
C MET C 81 -21.83 -0.03 3.07
N TYR C 82 -21.73 1.25 3.44
CA TYR C 82 -21.62 2.32 2.46
C TYR C 82 -20.34 2.06 1.69
N LEU C 83 -19.28 1.74 2.42
CA LEU C 83 -17.97 1.51 1.80
C LEU C 83 -17.96 0.22 0.95
N MET C 84 -18.65 -0.81 1.44
CA MET C 84 -18.76 -2.07 0.73
C MET C 84 -19.50 -1.85 -0.59
N ALA C 85 -20.71 -1.30 -0.48
CA ALA C 85 -21.53 -1.08 -1.65
C ALA C 85 -20.85 -0.16 -2.65
N PHE C 86 -20.14 0.86 -2.17
CA PHE C 86 -19.59 1.87 -3.10
C PHE C 86 -18.38 1.31 -3.84
N ALA C 87 -17.51 0.64 -3.09
CA ALA C 87 -16.36 -0.03 -3.67
C ALA C 87 -16.80 -1.14 -4.67
N LEU C 88 -17.83 -1.91 -4.30
CA LEU C 88 -18.39 -2.93 -5.21
C LEU C 88 -19.02 -2.25 -6.43
N GLY C 89 -19.79 -1.20 -6.19
CA GLY C 89 -20.36 -0.43 -7.28
C GLY C 89 -19.28 -0.07 -8.27
N TRP C 90 -18.21 0.54 -7.78
CA TRP C 90 -17.07 0.88 -8.62
C TRP C 90 -16.51 -0.34 -9.35
N ARG C 91 -16.21 -1.40 -8.62
CA ARG C 91 -15.67 -2.62 -9.23
C ARG C 91 -16.51 -3.07 -10.40
N SER C 92 -17.81 -3.13 -10.17
CA SER C 92 -18.77 -3.63 -11.13
C SER C 92 -18.86 -2.69 -12.31
N TYR C 93 -18.96 -1.39 -12.01
CA TYR C 93 -19.05 -0.38 -13.04
C TYR C 93 -17.97 -0.66 -14.06
N ARG C 94 -16.75 -0.87 -13.58
CA ARG C 94 -15.62 -1.10 -14.46
C ARG C 94 -15.71 -2.34 -15.38
N GLN C 95 -16.84 -3.05 -15.38
CA GLN C 95 -17.03 -4.22 -16.28
C GLN C 95 -18.34 -4.98 -16.07
N ALA C 98 -21.02 -4.54 -18.61
CA ALA C 98 -22.32 -5.18 -18.45
C ALA C 98 -22.85 -5.04 -17.01
N ASN C 99 -24.07 -5.49 -16.80
CA ASN C 99 -24.76 -5.35 -15.51
C ASN C 99 -24.50 -6.49 -14.51
N LEU C 100 -23.23 -6.74 -14.21
CA LEU C 100 -22.88 -7.80 -13.27
C LEU C 100 -22.19 -7.26 -12.00
N LEU C 101 -22.51 -7.84 -10.85
CA LEU C 101 -21.85 -7.47 -9.60
C LEU C 101 -20.56 -8.28 -9.46
N CYS C 102 -19.43 -7.57 -9.45
CA CYS C 102 -18.14 -8.26 -9.42
C CYS C 102 -17.58 -8.31 -8.00
N PHE C 103 -18.26 -9.06 -7.12
CA PHE C 103 -17.84 -9.11 -5.72
C PHE C 103 -16.37 -9.47 -5.61
N ALA C 104 -15.90 -10.28 -6.55
CA ALA C 104 -14.53 -10.75 -6.58
C ALA C 104 -14.31 -11.35 -7.94
N PRO C 105 -13.06 -11.33 -8.44
CA PRO C 105 -12.73 -11.90 -9.75
C PRO C 105 -13.28 -13.32 -9.91
N ASP C 106 -13.35 -14.07 -8.80
CA ASP C 106 -13.89 -15.43 -8.84
C ASP C 106 -15.27 -15.54 -8.19
N LEU C 107 -15.94 -14.40 -7.96
CA LEU C 107 -17.35 -14.44 -7.60
C LEU C 107 -18.12 -13.28 -8.21
N ILE C 108 -18.58 -13.50 -9.43
CA ILE C 108 -19.32 -12.51 -10.16
C ILE C 108 -20.77 -12.97 -10.22
N ILE C 109 -21.69 -12.08 -9.84
CA ILE C 109 -23.11 -12.42 -9.83
C ILE C 109 -23.74 -12.18 -11.21
N ASN C 110 -23.81 -13.24 -12.00
CA ASN C 110 -24.34 -13.12 -13.35
C ASN C 110 -25.84 -13.34 -13.39
N GLU C 111 -26.38 -13.36 -14.61
CA GLU C 111 -27.82 -13.47 -14.85
C GLU C 111 -28.38 -14.64 -14.08
N GLN C 112 -27.87 -15.83 -14.39
CA GLN C 112 -28.28 -17.03 -13.68
C GLN C 112 -28.21 -16.79 -12.18
N ARG C 113 -27.06 -16.35 -11.68
CA ARG C 113 -26.94 -16.12 -10.25
C ARG C 113 -27.96 -15.10 -9.77
N MET C 114 -28.14 -14.03 -10.52
CA MET C 114 -29.11 -13.02 -10.14
C MET C 114 -30.49 -13.62 -9.91
N THR C 115 -30.79 -14.67 -10.65
CA THR C 115 -32.14 -15.21 -10.62
C THR C 115 -32.31 -16.23 -9.50
N LEU C 116 -31.21 -16.54 -8.81
CA LEU C 116 -31.26 -17.43 -7.66
C LEU C 116 -32.25 -16.90 -6.65
N PRO C 117 -32.88 -17.80 -5.91
CA PRO C 117 -33.87 -17.39 -4.91
C PRO C 117 -33.30 -16.29 -4.00
N GLY C 118 -33.91 -15.11 -4.02
CA GLY C 118 -33.55 -14.07 -3.06
C GLY C 118 -32.33 -13.24 -3.38
N MET C 119 -31.75 -13.41 -4.57
CA MET C 119 -30.55 -12.68 -4.94
C MET C 119 -30.79 -11.25 -5.42
N TYR C 120 -31.68 -11.09 -6.39
CA TYR C 120 -31.92 -9.77 -6.98
C TYR C 120 -32.42 -8.75 -5.96
N ASP C 121 -33.18 -9.23 -4.98
CA ASP C 121 -33.85 -8.36 -4.02
C ASP C 121 -32.87 -7.56 -3.21
N GLN C 122 -31.59 -7.87 -3.36
CA GLN C 122 -30.54 -7.09 -2.74
C GLN C 122 -29.56 -6.61 -3.79
N CYS C 123 -29.20 -7.49 -4.69
CA CYS C 123 -28.22 -7.16 -5.72
C CYS C 123 -28.63 -5.92 -6.53
N LYS C 124 -29.93 -5.74 -6.76
CA LYS C 124 -30.40 -4.56 -7.50
C LYS C 124 -29.88 -3.27 -6.83
N HIS C 125 -29.75 -3.27 -5.51
CA HIS C 125 -29.30 -2.06 -4.84
C HIS C 125 -27.84 -1.81 -5.15
N MET C 126 -27.05 -2.87 -5.10
CA MET C 126 -25.67 -2.76 -5.55
C MET C 126 -25.66 -2.33 -7.00
N LEU C 127 -26.55 -2.91 -7.80
CA LEU C 127 -26.67 -2.56 -9.21
C LEU C 127 -26.96 -1.08 -9.40
N TYR C 128 -27.86 -0.53 -8.59
CA TYR C 128 -28.17 0.88 -8.69
C TYR C 128 -26.93 1.77 -8.49
N VAL C 129 -26.06 1.41 -7.53
CA VAL C 129 -24.80 2.15 -7.34
C VAL C 129 -23.94 2.08 -8.60
N SER C 130 -23.78 0.86 -9.10
CA SER C 130 -23.05 0.61 -10.35
C SER C 130 -23.52 1.39 -11.59
N SER C 131 -24.83 1.44 -11.82
CA SER C 131 -25.32 2.14 -13.00
C SER C 131 -25.25 3.66 -12.83
N GLU C 132 -25.35 4.13 -11.59
CA GLU C 132 -25.17 5.56 -11.33
C GLU C 132 -23.75 6.01 -11.65
N LEU C 133 -22.76 5.24 -11.18
CA LEU C 133 -21.37 5.54 -11.51
C LEU C 133 -21.19 5.56 -13.01
N HIS C 134 -21.84 4.64 -13.69
CA HIS C 134 -21.69 4.56 -15.14
C HIS C 134 -22.44 5.67 -15.84
N ARG C 135 -23.63 6.00 -15.33
CA ARG C 135 -24.39 7.09 -15.92
C ARG C 135 -23.60 8.38 -15.84
N LEU C 136 -22.97 8.61 -14.69
CA LEU C 136 -22.24 9.86 -14.46
C LEU C 136 -20.81 9.78 -14.96
N GLN C 137 -20.41 8.62 -15.47
CA GLN C 137 -19.03 8.44 -15.91
C GLN C 137 -18.08 8.99 -14.86
N VAL C 138 -18.31 8.58 -13.61
CA VAL C 138 -17.50 9.05 -12.51
C VAL C 138 -16.06 8.62 -12.75
N SER C 139 -15.12 9.55 -12.62
CA SER C 139 -13.71 9.21 -12.79
C SER C 139 -13.20 8.56 -11.52
N TYR C 140 -11.99 8.01 -11.60
CA TYR C 140 -11.39 7.33 -10.46
C TYR C 140 -11.11 8.28 -9.30
N GLU C 141 -10.65 9.48 -9.60
CA GLU C 141 -10.32 10.44 -8.55
C GLU C 141 -11.56 10.99 -7.86
N GLU C 142 -12.64 11.16 -8.59
CA GLU C 142 -13.89 11.57 -7.98
C GLU C 142 -14.35 10.42 -7.10
N TYR C 143 -14.07 9.21 -7.55
CA TYR C 143 -14.43 8.02 -6.81
C TYR C 143 -13.71 7.95 -5.47
N LEU C 144 -12.39 8.17 -5.48
CA LEU C 144 -11.60 8.13 -4.26
C LEU C 144 -12.13 9.13 -3.25
N CYS C 145 -12.34 10.37 -3.70
CA CYS C 145 -12.81 11.43 -2.83
C CYS C 145 -14.19 11.10 -2.30
N MET C 146 -15.03 10.57 -3.19
CA MET C 146 -16.40 10.20 -2.82
C MET C 146 -16.44 9.08 -1.78
N LYS C 147 -15.55 8.10 -1.92
CA LYS C 147 -15.56 6.96 -0.97
C LYS C 147 -15.18 7.44 0.44
N THR C 148 -14.14 8.27 0.52
CA THR C 148 -13.74 8.87 1.80
C THR C 148 -14.88 9.67 2.43
N LEU C 149 -15.68 10.34 1.61
CA LEU C 149 -16.83 11.07 2.13
C LEU C 149 -17.93 10.14 2.66
N LEU C 150 -18.04 8.95 2.07
CA LEU C 150 -18.96 7.96 2.62
C LEU C 150 -18.58 7.48 4.03
N LEU C 151 -17.28 7.40 4.30
CA LEU C 151 -16.82 7.09 5.66
C LEU C 151 -17.36 8.11 6.66
N LEU C 152 -17.55 9.33 6.18
CA LEU C 152 -17.89 10.47 7.00
C LEU C 152 -19.33 10.90 6.76
N SER C 153 -20.21 9.96 6.38
CA SER C 153 -21.55 10.35 5.91
C SER C 153 -22.64 10.29 6.99
N SER C 154 -22.25 9.86 8.18
CA SER C 154 -23.18 9.55 9.27
C SER C 154 -22.51 9.80 10.60
N VAL C 155 -23.23 10.43 11.52
CA VAL C 155 -22.76 10.66 12.88
C VAL C 155 -23.93 10.48 13.85
N PRO C 156 -23.61 10.19 15.11
CA PRO C 156 -24.62 10.11 16.19
C PRO C 156 -25.44 11.39 16.27
N LYS C 157 -26.74 11.25 16.54
CA LYS C 157 -27.61 12.41 16.65
C LYS C 157 -27.12 13.35 17.76
N ASP C 158 -26.50 12.80 18.80
CA ASP C 158 -26.03 13.60 19.93
C ASP C 158 -24.63 14.19 19.69
N GLY C 159 -23.99 13.76 18.61
CA GLY C 159 -22.68 14.29 18.23
C GLY C 159 -21.52 13.34 18.51
N LEU C 160 -20.43 13.53 17.78
CA LEU C 160 -19.18 12.80 18.03
C LEU C 160 -18.40 13.50 19.14
N LYS C 161 -17.39 12.82 19.69
CA LYS C 161 -16.59 13.41 20.77
C LYS C 161 -15.59 14.39 20.20
N SER C 162 -15.14 14.14 18.98
CA SER C 162 -14.26 15.08 18.31
C SER C 162 -15.02 15.77 17.19
N GLN C 163 -16.23 16.21 17.50
CA GLN C 163 -17.19 16.67 16.49
C GLN C 163 -16.61 17.82 15.67
N GLU C 164 -15.80 18.66 16.32
CA GLU C 164 -15.19 19.80 15.66
C GLU C 164 -14.18 19.38 14.60
N LEU C 165 -13.25 18.50 14.99
CA LEU C 165 -12.27 17.95 14.06
C LEU C 165 -12.94 17.13 12.95
N PHE C 166 -14.04 16.47 13.26
CA PHE C 166 -14.78 15.73 12.25
C PHE C 166 -15.28 16.71 11.19
N ASP C 167 -15.89 17.80 11.65
CA ASP C 167 -16.48 18.80 10.74
C ASP C 167 -15.43 19.34 9.77
N GLU C 168 -14.22 19.49 10.28
CA GLU C 168 -13.09 20.02 9.52
C GLU C 168 -12.71 19.05 8.41
N ILE C 169 -12.20 17.90 8.85
CA ILE C 169 -11.88 16.80 7.97
C ILE C 169 -12.91 16.57 6.85
N ARG C 170 -14.19 16.63 7.21
CA ARG C 170 -15.22 16.35 6.25
C ARG C 170 -15.28 17.46 5.20
N MET C 171 -15.14 18.70 5.64
CA MET C 171 -15.12 19.83 4.70
C MET C 171 -13.88 19.77 3.83
N THR C 172 -12.77 19.34 4.42
CA THR C 172 -11.55 19.15 3.64
C THR C 172 -11.78 18.24 2.43
N TYR C 173 -12.51 17.14 2.63
CA TYR C 173 -12.70 16.18 1.56
C TYR C 173 -13.83 16.58 0.62
N ILE C 174 -14.76 17.39 1.11
CA ILE C 174 -15.73 17.97 0.20
C ILE C 174 -14.99 18.86 -0.79
N LYS C 175 -13.98 19.55 -0.31
CA LYS C 175 -13.16 20.42 -1.17
C LYS C 175 -12.30 19.58 -2.09
N GLU C 176 -11.75 18.50 -1.56
CA GLU C 176 -10.95 17.58 -2.35
C GLU C 176 -11.75 17.03 -3.53
N LEU C 177 -13.01 16.69 -3.28
CA LEU C 177 -13.88 16.24 -4.35
C LEU C 177 -14.01 17.32 -5.41
N GLY C 178 -14.11 18.57 -4.97
CA GLY C 178 -14.26 19.69 -5.89
C GLY C 178 -13.08 19.83 -6.84
N LYS C 179 -11.87 19.71 -6.31
CA LYS C 179 -10.68 19.68 -7.15
C LYS C 179 -10.69 18.51 -8.13
N ALA C 180 -11.19 17.36 -7.71
CA ALA C 180 -11.27 16.20 -8.59
C ALA C 180 -12.17 16.49 -9.78
N ILE C 181 -13.30 17.13 -9.51
CA ILE C 181 -14.29 17.46 -10.52
C ILE C 181 -13.70 18.39 -11.57
N VAL C 182 -12.97 19.38 -11.10
CA VAL C 182 -12.37 20.39 -11.96
C VAL C 182 -11.41 19.73 -12.95
N LYS C 183 -10.71 18.70 -12.49
CA LYS C 183 -9.74 17.99 -13.33
C LYS C 183 -10.27 17.78 -14.75
N SER C 189 -16.83 23.95 -17.72
CA SER C 189 -17.39 24.97 -16.84
C SER C 189 -18.49 24.36 -15.96
N GLN C 190 -19.09 23.28 -16.46
CA GLN C 190 -20.23 22.61 -15.83
C GLN C 190 -19.83 21.96 -14.49
N ASN C 191 -18.79 22.50 -13.89
CA ASN C 191 -18.26 22.01 -12.63
C ASN C 191 -19.26 22.04 -11.49
N TRP C 192 -20.01 23.12 -11.34
CA TRP C 192 -20.94 23.18 -10.22
C TRP C 192 -22.08 22.19 -10.41
N GLN C 193 -22.48 22.03 -11.66
CA GLN C 193 -23.51 21.07 -12.04
C GLN C 193 -23.08 19.63 -11.76
N ARG C 194 -21.83 19.31 -12.08
CA ARG C 194 -21.33 18.00 -11.74
C ARG C 194 -21.27 17.81 -10.22
N PHE C 195 -20.85 18.83 -9.50
CA PHE C 195 -20.78 18.73 -8.04
C PHE C 195 -22.14 18.39 -7.45
N TYR C 196 -23.19 19.00 -7.99
CA TYR C 196 -24.53 18.71 -7.55
C TYR C 196 -24.89 17.24 -7.87
N GLN C 197 -24.44 16.76 -9.02
CA GLN C 197 -24.78 15.39 -9.46
C GLN C 197 -24.10 14.36 -8.56
N LEU C 198 -22.78 14.50 -8.41
CA LEU C 198 -21.99 13.62 -7.55
C LEU C 198 -22.44 13.61 -6.09
N THR C 199 -22.80 14.78 -5.57
CA THR C 199 -23.21 14.87 -4.16
C THR C 199 -24.64 14.38 -4.00
N LYS C 200 -25.40 14.41 -5.10
CA LYS C 200 -26.72 13.81 -5.13
C LYS C 200 -26.57 12.29 -5.03
N LEU C 201 -25.61 11.74 -5.77
CA LEU C 201 -25.30 10.32 -5.66
C LEU C 201 -24.90 10.00 -4.22
N LEU C 202 -23.99 10.78 -3.62
CA LEU C 202 -23.57 10.52 -2.23
C LEU C 202 -24.78 10.40 -1.31
N ASP C 203 -25.68 11.36 -1.43
CA ASP C 203 -26.87 11.41 -0.59
C ASP C 203 -27.70 10.15 -0.78
N SER C 204 -27.83 9.70 -2.02
CA SER C 204 -28.69 8.57 -2.34
C SER C 204 -28.20 7.29 -1.67
N MET C 205 -26.89 7.23 -1.42
CA MET C 205 -26.30 6.07 -0.77
C MET C 205 -26.95 5.72 0.56
N HIS C 206 -27.60 6.67 1.22
CA HIS C 206 -28.23 6.36 2.51
C HIS C 206 -29.39 5.39 2.29
N GLU C 207 -30.25 5.67 1.32
CA GLU C 207 -31.38 4.79 1.07
C GLU C 207 -30.89 3.43 0.59
N VAL C 208 -29.91 3.42 -0.31
CA VAL C 208 -29.28 2.19 -0.76
C VAL C 208 -28.86 1.29 0.41
N VAL C 209 -28.08 1.87 1.33
CA VAL C 209 -27.54 1.12 2.46
C VAL C 209 -28.63 0.75 3.45
N GLU C 210 -29.62 1.63 3.60
CA GLU C 210 -30.76 1.34 4.45
C GLU C 210 -31.37 0.01 4.04
N ASN C 211 -31.56 -0.18 2.73
CA ASN C 211 -32.11 -1.42 2.21
C ASN C 211 -31.15 -2.60 2.40
N LEU C 212 -29.94 -2.44 1.89
CA LEU C 212 -28.88 -3.44 2.06
C LEU C 212 -28.82 -3.99 3.45
N LEU C 213 -28.98 -3.13 4.45
CA LEU C 213 -28.81 -3.59 5.82
C LEU C 213 -30.05 -4.34 6.31
N ASN C 214 -31.23 -3.90 5.92
CA ASN C 214 -32.43 -4.64 6.25
C ASN C 214 -32.34 -6.10 5.83
N TYR C 215 -31.99 -6.32 4.58
CA TYR C 215 -31.96 -7.67 4.03
C TYR C 215 -30.75 -8.45 4.55
N CYS C 216 -29.82 -7.73 5.15
CA CYS C 216 -28.64 -8.33 5.76
C CYS C 216 -28.91 -8.66 7.22
N PHE C 217 -29.43 -7.68 7.96
CA PHE C 217 -29.82 -7.88 9.35
C PHE C 217 -30.88 -8.96 9.48
N GLN C 218 -31.89 -8.89 8.61
CA GLN C 218 -32.97 -9.87 8.60
C GLN C 218 -32.42 -11.29 8.47
N THR C 219 -31.53 -11.48 7.50
CA THR C 219 -30.85 -12.75 7.31
C THR C 219 -30.07 -13.17 8.54
N PHE C 220 -29.56 -12.17 9.27
CA PHE C 220 -28.75 -12.42 10.45
C PHE C 220 -29.58 -12.90 11.64
N LEU C 221 -30.81 -12.41 11.74
CA LEU C 221 -31.67 -12.70 12.87
C LEU C 221 -32.50 -13.95 12.66
N ASP C 222 -32.59 -14.40 11.40
CA ASP C 222 -33.39 -15.58 11.09
C ASP C 222 -32.69 -16.88 11.44
N LYS C 223 -33.34 -17.67 12.29
CA LYS C 223 -32.78 -18.90 12.81
C LYS C 223 -32.99 -20.05 11.82
N THR C 224 -34.07 -19.98 11.06
CA THR C 224 -34.38 -20.98 10.05
C THR C 224 -33.36 -20.97 8.91
N MET C 225 -32.50 -19.96 8.91
CA MET C 225 -31.47 -19.83 7.88
C MET C 225 -30.09 -19.99 8.47
N SER C 226 -29.61 -21.24 8.50
CA SER C 226 -28.27 -21.55 8.96
C SER C 226 -27.26 -20.84 8.06
N ILE C 227 -26.80 -19.67 8.50
CA ILE C 227 -25.92 -18.86 7.69
C ILE C 227 -24.77 -18.30 8.52
N GLU C 228 -23.54 -18.59 8.11
CA GLU C 228 -22.36 -18.18 8.84
C GLU C 228 -21.88 -16.77 8.48
N PHE C 229 -21.76 -15.92 9.49
CA PHE C 229 -21.07 -14.64 9.38
C PHE C 229 -19.76 -14.78 10.16
N PRO C 230 -18.66 -14.18 9.67
CA PRO C 230 -17.44 -14.17 10.48
C PRO C 230 -17.60 -13.20 11.67
N GLU C 231 -16.85 -13.43 12.75
CA GLU C 231 -17.04 -12.71 14.02
C GLU C 231 -16.98 -11.19 13.91
N MET C 232 -15.91 -10.69 13.30
CA MET C 232 -15.80 -9.25 13.03
C MET C 232 -17.15 -8.65 12.62
N LEU C 233 -17.77 -9.22 11.59
CA LEU C 233 -19.04 -8.74 11.06
C LEU C 233 -20.19 -8.95 12.04
N ALA C 234 -20.28 -10.15 12.57
CA ALA C 234 -21.37 -10.49 13.48
C ALA C 234 -21.41 -9.46 14.59
N GLU C 235 -20.24 -9.11 15.09
CA GLU C 235 -20.09 -8.08 16.11
C GLU C 235 -20.68 -6.74 15.67
N ILE C 236 -20.17 -6.24 14.55
CA ILE C 236 -20.62 -4.98 14.02
C ILE C 236 -22.11 -5.02 13.77
N ILE C 237 -22.60 -6.17 13.34
CA ILE C 237 -24.02 -6.30 13.06
C ILE C 237 -24.87 -6.25 14.34
N THR C 238 -24.48 -7.01 15.36
CA THR C 238 -25.25 -7.05 16.60
C THR C 238 -25.30 -5.67 17.23
N ASN C 239 -24.14 -5.04 17.29
CA ASN C 239 -24.03 -3.73 17.90
C ASN C 239 -24.79 -2.67 17.13
N GLN C 240 -25.26 -3.02 15.94
CA GLN C 240 -25.90 -2.04 15.06
C GLN C 240 -27.43 -2.13 15.01
N ILE C 241 -27.97 -3.34 15.02
CA ILE C 241 -29.42 -3.51 14.90
C ILE C 241 -30.22 -2.52 15.77
N PRO C 242 -29.86 -2.41 17.06
CA PRO C 242 -30.56 -1.50 17.97
C PRO C 242 -30.54 -0.05 17.48
N LYS C 243 -29.36 0.49 17.23
CA LYS C 243 -29.19 1.88 16.83
C LYS C 243 -30.12 2.29 15.67
N TYR C 244 -30.54 1.31 14.87
CA TYR C 244 -31.45 1.58 13.77
C TYR C 244 -32.89 1.66 14.26
N SER C 245 -33.25 0.73 15.14
CA SER C 245 -34.53 0.80 15.82
C SER C 245 -34.65 2.15 16.53
N ASN C 246 -33.57 2.55 17.19
CA ASN C 246 -33.56 3.76 18.01
C ASN C 246 -33.48 5.05 17.17
N GLY C 247 -32.93 4.95 15.97
CA GLY C 247 -32.76 6.09 15.10
C GLY C 247 -31.94 7.20 15.74
N ASN C 248 -30.85 6.82 16.41
CA ASN C 248 -29.94 7.79 17.02
C ASN C 248 -28.86 8.16 16.01
N ILE C 249 -29.14 7.90 14.75
CA ILE C 249 -28.17 8.12 13.68
C ILE C 249 -28.57 9.33 12.83
N LYS C 250 -27.69 10.33 12.81
CA LYS C 250 -27.89 11.50 11.96
C LYS C 250 -27.22 11.29 10.61
N LYS C 251 -28.01 11.26 9.54
CA LYS C 251 -27.48 11.07 8.18
C LYS C 251 -27.20 12.42 7.52
N LEU C 252 -25.93 12.69 7.22
CA LEU C 252 -25.52 13.97 6.64
C LEU C 252 -25.93 14.08 5.16
N LEU C 253 -26.54 15.21 4.80
CA LEU C 253 -27.06 15.41 3.46
C LEU C 253 -26.39 16.59 2.78
N PHE C 254 -25.96 16.40 1.54
CA PHE C 254 -25.48 17.55 0.79
C PHE C 254 -26.64 18.41 0.30
N HIS C 255 -27.76 17.78 0.02
CA HIS C 255 -28.96 18.46 -0.46
C HIS C 255 -30.14 18.04 0.40
N GLN C 256 -30.93 19.03 0.83
CA GLN C 256 -31.96 18.80 1.84
C GLN C 256 -33.25 18.25 1.25
N ASN D 2 -17.19 -5.46 20.93
CA ASN D 2 -16.63 -4.57 19.92
C ASN D 2 -15.10 -4.56 19.95
N ALA D 3 -14.53 -5.55 20.62
CA ALA D 3 -13.12 -5.58 20.98
C ALA D 3 -12.14 -5.69 19.81
N LEU D 4 -12.47 -6.52 18.83
CA LEU D 4 -11.60 -6.69 17.67
C LEU D 4 -11.57 -5.43 16.81
N LEU D 5 -12.74 -4.85 16.56
CA LEU D 5 -12.74 -3.52 15.94
C LEU D 5 -11.88 -2.55 16.77
N ARG D 6 -12.12 -2.55 18.08
CA ARG D 6 -11.34 -1.70 18.98
C ARG D 6 -9.85 -2.04 18.84
N TYR D 7 -9.51 -3.32 18.97
CA TYR D 7 -8.15 -3.80 18.69
C TYR D 7 -7.58 -3.33 17.34
N LEU D 8 -8.32 -3.54 16.26
CA LEU D 8 -7.84 -3.19 14.92
C LEU D 8 -7.56 -1.70 14.80
N LEU D 9 -8.40 -0.90 15.46
CA LEU D 9 -8.26 0.55 15.31
C LEU D 9 -7.12 1.06 16.16
N ASP D 10 -7.10 0.60 17.41
CA ASP D 10 -6.12 1.07 18.39
C ASP D 10 -4.74 0.47 18.16
N LYS D 11 -4.53 -0.18 17.02
CA LYS D 11 -3.24 -0.80 16.74
C LYS D 11 -2.23 0.27 16.34
#